data_6KHK
#
_entry.id   6KHK
#
_cell.length_a   55.304
_cell.length_b   93.336
_cell.length_c   129.676
_cell.angle_alpha   90.000
_cell.angle_beta   90.000
_cell.angle_gamma   90.000
#
_symmetry.space_group_name_H-M   'P 2 21 21'
#
loop_
_entity.id
_entity.type
_entity.pdbx_description
1 polymer 'Hydrolase, alpha/beta domain protein'
2 non-polymer GLYCEROL
3 water water
#
_entity_poly.entity_id   1
_entity_poly.type   'polypeptide(L)'
_entity_poly.pdbx_seq_one_letter_code
;MALQEIEFTSHNGRDAIQAWAYEPVGTPTAVVQIIHGLGEHSRRYLHMISALLDAGFVVIADDHAGHGRTAMQSGVWADA
GDNAAEVVISDELTLQQQLAGQFDDLPWVVFGHSWGSMIARAMATRPGTRLDGLALCGIVAQPRGFETTLDHKTLAKAMA
TAPTDPAPEALVAQMFDGFADRLSEDDGPTGWVARSKEVVADHGKDKFNNFGAPMSTRFLQGLADIYAMANGDSFYATMP
NIPIVLFAGSEDPAGDFGTGVKAVAERLRRDGHNVELHLYDGLRHEVHNEPESRADVESSLVTFVDRVANRRIKRSR
;
_entity_poly.pdbx_strand_id   A,B
#
# COMPACT_ATOMS: atom_id res chain seq x y z
N ALA A 2 4.08 -9.75 3.53
CA ALA A 2 5.31 -9.03 4.07
C ALA A 2 5.66 -7.77 3.25
N LEU A 3 6.38 -6.83 3.86
CA LEU A 3 6.79 -5.57 3.20
C LEU A 3 8.27 -5.33 3.40
N GLN A 4 8.95 -5.00 2.33
CA GLN A 4 10.34 -4.48 2.38
C GLN A 4 10.37 -3.04 1.91
N GLU A 5 11.10 -2.22 2.65
CA GLU A 5 11.51 -0.88 2.19
C GLU A 5 12.93 -1.07 1.69
N ILE A 6 13.12 -0.69 0.44
CA ILE A 6 14.40 -0.76 -0.26
C ILE A 6 14.81 0.67 -0.62
N GLU A 7 16.06 1.04 -0.42
CA GLU A 7 16.54 2.33 -0.96
C GLU A 7 17.92 2.02 -1.49
N PHE A 8 18.24 2.61 -2.61
CA PHE A 8 19.62 2.58 -3.15
C PHE A 8 19.91 3.94 -3.76
N THR A 9 21.22 4.27 -3.87
CA THR A 9 21.68 5.47 -4.59
C THR A 9 21.40 5.28 -6.08
N SER A 10 20.76 6.28 -6.68
CA SER A 10 20.49 6.34 -8.13
C SER A 10 21.80 6.28 -8.87
N HIS A 11 21.75 5.77 -10.09
CA HIS A 11 22.83 5.97 -11.10
C HIS A 11 23.19 7.46 -11.22
N ASN A 12 22.27 8.41 -10.95
CA ASN A 12 22.64 9.85 -11.04
C ASN A 12 23.58 10.27 -9.88
N GLY A 13 23.82 9.42 -8.88
CA GLY A 13 24.68 9.78 -7.73
C GLY A 13 24.08 10.84 -6.79
N ARG A 14 22.84 11.31 -7.00
CA ARG A 14 22.19 12.33 -6.14
C ARG A 14 21.05 11.70 -5.32
N ASP A 15 20.14 10.99 -5.97
CA ASP A 15 18.85 10.63 -5.37
C ASP A 15 18.96 9.29 -4.61
N ALA A 16 18.33 9.25 -3.43
CA ALA A 16 17.97 8.01 -2.72
C ALA A 16 16.66 7.46 -3.32
N ILE A 17 16.81 6.50 -4.23
CA ILE A 17 15.62 5.88 -4.87
C ILE A 17 14.84 5.21 -3.74
N GLN A 18 13.60 5.62 -3.58
CA GLN A 18 12.62 4.99 -2.64
C GLN A 18 11.90 3.84 -3.34
N ALA A 19 11.93 2.63 -2.77
CA ALA A 19 11.34 1.46 -3.40
C ALA A 19 10.70 0.57 -2.33
N TRP A 20 9.83 -0.31 -2.79
CA TRP A 20 9.12 -1.27 -1.92
C TRP A 20 9.02 -2.62 -2.60
N ALA A 21 9.16 -3.69 -1.81
CA ALA A 21 8.74 -5.04 -2.25
C ALA A 21 7.53 -5.51 -1.42
N TYR A 22 6.60 -6.16 -2.07
CA TYR A 22 5.33 -6.62 -1.43
C TYR A 22 5.24 -8.13 -1.66
N GLU A 23 5.24 -8.95 -0.58
CA GLU A 23 5.27 -10.42 -0.68
C GLU A 23 3.89 -10.95 -0.30
N PRO A 24 3.30 -11.86 -1.09
CA PRO A 24 1.99 -12.42 -0.77
C PRO A 24 2.16 -13.47 0.34
N VAL A 25 1.06 -13.91 0.95
CA VAL A 25 1.17 -15.06 1.88
C VAL A 25 1.38 -16.31 1.02
N GLY A 26 2.05 -17.32 1.53
CA GLY A 26 2.25 -18.59 0.79
C GLY A 26 3.46 -18.49 -0.14
N THR A 27 3.64 -19.49 -0.99
CA THR A 27 4.80 -19.57 -1.89
C THR A 27 4.46 -18.77 -3.13
N PRO A 28 5.18 -17.69 -3.44
CA PRO A 28 4.89 -16.94 -4.67
C PRO A 28 5.26 -17.73 -5.93
N THR A 29 4.60 -17.38 -7.05
CA THR A 29 4.78 -18.10 -8.33
C THR A 29 5.44 -17.20 -9.37
N ALA A 30 5.53 -15.90 -9.11
CA ALA A 30 6.21 -14.95 -10.01
C ALA A 30 6.53 -13.66 -9.26
N VAL A 31 7.42 -12.87 -9.88
CA VAL A 31 7.68 -11.46 -9.51
C VAL A 31 7.14 -10.53 -10.62
N VAL A 32 6.53 -9.44 -10.20
CA VAL A 32 6.00 -8.41 -11.13
C VAL A 32 6.66 -7.10 -10.70
N GLN A 33 7.44 -6.51 -11.60
CA GLN A 33 8.03 -5.17 -11.38
C GLN A 33 7.14 -4.10 -12.03
N ILE A 34 6.55 -3.20 -11.24
CA ILE A 34 5.74 -2.07 -11.78
C ILE A 34 6.65 -0.88 -12.02
N ILE A 35 6.53 -0.32 -13.24
CA ILE A 35 7.35 0.87 -13.60
C ILE A 35 6.41 2.00 -13.92
N HIS A 36 6.30 2.96 -13.02
CA HIS A 36 5.32 4.08 -13.16
C HIS A 36 5.77 5.02 -14.25
N GLY A 37 4.89 5.94 -14.60
CA GLY A 37 5.10 6.89 -15.70
C GLY A 37 5.40 8.30 -15.24
N LEU A 38 5.23 9.26 -16.15
CA LEU A 38 5.74 10.65 -15.95
C LEU A 38 4.81 11.34 -14.97
N GLY A 39 5.38 11.99 -13.98
CA GLY A 39 4.62 12.83 -13.03
C GLY A 39 3.68 12.03 -12.14
N GLU A 40 3.94 10.72 -11.92
CA GLU A 40 3.13 9.92 -10.95
C GLU A 40 4.11 9.18 -10.02
N HIS A 41 3.64 8.16 -9.34
CA HIS A 41 4.43 7.43 -8.33
C HIS A 41 3.94 5.99 -8.19
N SER A 42 4.71 5.10 -7.53
CA SER A 42 4.41 3.65 -7.53
C SER A 42 3.30 3.35 -6.56
N ARG A 43 3.07 4.17 -5.55
CA ARG A 43 2.09 3.83 -4.49
C ARG A 43 0.67 4.16 -4.99
N ARG A 44 0.61 4.75 -6.15
CA ARG A 44 -0.67 5.06 -6.85
C ARG A 44 -1.28 3.74 -7.33
N TYR A 45 -0.47 2.69 -7.35
CA TYR A 45 -0.87 1.38 -7.91
C TYR A 45 -1.41 0.44 -6.83
N LEU A 46 -1.88 0.96 -5.72
CA LEU A 46 -2.38 0.10 -4.61
C LEU A 46 -3.35 -0.98 -5.08
N HIS A 47 -4.33 -0.61 -5.88
CA HIS A 47 -5.35 -1.59 -6.31
C HIS A 47 -4.68 -2.73 -7.08
N MET A 48 -3.79 -2.38 -7.99
CA MET A 48 -3.09 -3.38 -8.82
C MET A 48 -2.21 -4.25 -7.91
N ILE A 49 -1.43 -3.63 -7.04
CA ILE A 49 -0.48 -4.39 -6.16
C ILE A 49 -1.30 -5.43 -5.39
N SER A 50 -2.35 -4.97 -4.75
CA SER A 50 -3.21 -5.86 -3.92
C SER A 50 -3.74 -7.02 -4.76
N ALA A 51 -4.15 -6.74 -5.99
CA ALA A 51 -4.67 -7.79 -6.91
C ALA A 51 -3.57 -8.78 -7.26
N LEU A 52 -2.34 -8.29 -7.51
CA LEU A 52 -1.23 -9.19 -7.89
C LEU A 52 -0.87 -10.02 -6.66
N LEU A 53 -0.94 -9.42 -5.45
CA LEU A 53 -0.67 -10.22 -4.20
C LEU A 53 -1.70 -11.32 -4.09
N ASP A 54 -2.97 -11.00 -4.33
CA ASP A 54 -4.11 -11.96 -4.26
C ASP A 54 -3.77 -13.15 -5.18
N ALA A 55 -3.09 -12.91 -6.29
CA ALA A 55 -2.76 -13.93 -7.31
C ALA A 55 -1.51 -14.75 -6.97
N GLY A 56 -0.79 -14.43 -5.88
CA GLY A 56 0.39 -15.15 -5.38
C GLY A 56 1.67 -14.64 -6.03
N PHE A 57 1.71 -13.36 -6.37
CA PHE A 57 2.91 -12.76 -7.01
C PHE A 57 3.57 -11.81 -6.01
N VAL A 58 4.89 -11.82 -6.04
CA VAL A 58 5.70 -10.76 -5.39
C VAL A 58 5.53 -9.53 -6.27
N VAL A 59 5.44 -8.35 -5.67
CA VAL A 59 5.44 -7.07 -6.44
C VAL A 59 6.60 -6.19 -5.97
N ILE A 60 7.32 -5.59 -6.91
CA ILE A 60 8.47 -4.68 -6.63
C ILE A 60 8.35 -3.42 -7.51
N ALA A 61 8.51 -2.24 -6.89
CA ALA A 61 8.27 -0.94 -7.56
C ALA A 61 9.11 0.11 -6.85
N ASP A 62 9.63 1.08 -7.61
CA ASP A 62 10.28 2.28 -7.04
C ASP A 62 9.61 3.55 -7.57
N ASP A 63 9.78 4.65 -6.85
CA ASP A 63 9.50 6.01 -7.34
C ASP A 63 10.75 6.43 -8.06
N HIS A 64 10.69 6.73 -9.34
CA HIS A 64 11.92 6.99 -10.15
C HIS A 64 12.55 8.32 -9.70
N ALA A 65 13.77 8.58 -10.16
CA ALA A 65 14.46 9.88 -10.00
C ALA A 65 13.50 10.97 -10.44
N GLY A 66 13.39 12.03 -9.65
CA GLY A 66 12.54 13.18 -9.96
C GLY A 66 11.05 12.96 -9.69
N HIS A 67 10.67 11.88 -9.01
CA HIS A 67 9.27 11.43 -8.86
C HIS A 67 8.93 10.97 -7.43
N GLY A 68 7.67 11.14 -7.10
CA GLY A 68 7.06 10.59 -5.88
C GLY A 68 7.88 10.83 -4.64
N ARG A 69 8.09 9.78 -3.83
CA ARG A 69 8.81 9.84 -2.55
C ARG A 69 10.28 10.13 -2.79
N THR A 70 10.85 9.67 -3.91
CA THR A 70 12.24 10.00 -4.29
C THR A 70 12.41 11.53 -4.37
N ALA A 71 11.52 12.20 -5.07
CA ALA A 71 11.51 13.67 -5.19
C ALA A 71 11.20 14.33 -3.85
N MET A 72 10.26 13.79 -3.11
CA MET A 72 9.86 14.36 -1.80
C MET A 72 11.09 14.32 -0.87
N GLN A 73 11.88 13.25 -0.86
CA GLN A 73 13.08 13.11 0.00
C GLN A 73 14.27 13.93 -0.52
N SER A 74 14.47 14.02 -1.82
CA SER A 74 15.63 14.73 -2.43
C SER A 74 15.36 16.24 -2.59
N GLY A 75 14.09 16.64 -2.67
CA GLY A 75 13.63 17.99 -3.02
C GLY A 75 13.75 18.31 -4.52
N VAL A 76 14.16 17.35 -5.35
CA VAL A 76 14.28 17.58 -6.82
C VAL A 76 13.19 16.82 -7.57
N TRP A 77 12.27 17.57 -8.18
CA TRP A 77 11.10 17.07 -8.98
C TRP A 77 11.39 17.20 -10.48
N ALA A 78 10.98 16.25 -11.30
CA ALA A 78 11.03 16.37 -12.78
C ALA A 78 12.49 16.63 -13.29
N ASP A 79 13.52 16.07 -12.66
CA ASP A 79 14.91 16.04 -13.19
C ASP A 79 15.59 14.80 -12.64
N ALA A 80 16.36 14.09 -13.46
CA ALA A 80 16.95 12.80 -13.06
C ALA A 80 18.48 12.83 -13.23
N GLY A 81 19.04 14.00 -13.42
CA GLY A 81 20.47 14.29 -13.64
C GLY A 81 20.84 14.24 -15.10
N ASP A 82 22.14 14.25 -15.39
CA ASP A 82 22.61 14.06 -16.78
C ASP A 82 22.36 12.62 -17.23
N ASN A 83 22.23 12.43 -18.53
CA ASN A 83 21.93 11.12 -19.18
C ASN A 83 20.68 10.48 -18.53
N ALA A 84 19.58 11.21 -18.52
CA ALA A 84 18.37 10.87 -17.73
C ALA A 84 17.84 9.51 -18.17
N ALA A 85 17.83 9.20 -19.47
CA ALA A 85 17.30 7.93 -19.97
C ALA A 85 18.19 6.82 -19.37
N GLU A 86 19.51 6.95 -19.41
CA GLU A 86 20.38 5.87 -18.88
C GLU A 86 20.17 5.73 -17.35
N VAL A 87 19.93 6.85 -16.67
CA VAL A 87 19.73 6.84 -15.19
C VAL A 87 18.49 5.99 -14.86
N VAL A 88 17.37 6.20 -15.55
CA VAL A 88 16.08 5.56 -15.10
C VAL A 88 16.11 4.09 -15.52
N ILE A 89 16.79 3.78 -16.64
CA ILE A 89 16.99 2.36 -17.06
C ILE A 89 17.91 1.69 -16.05
N SER A 90 19.05 2.31 -15.73
CA SER A 90 20.03 1.71 -14.78
CA SER A 90 20.01 1.70 -14.79
C SER A 90 19.30 1.44 -13.45
N ASP A 91 18.54 2.40 -12.96
CA ASP A 91 17.83 2.30 -11.64
C ASP A 91 16.78 1.17 -11.68
N GLU A 92 16.12 0.91 -12.80
CA GLU A 92 15.18 -0.23 -12.86
C GLU A 92 15.98 -1.56 -12.83
N LEU A 93 17.14 -1.63 -13.47
CA LEU A 93 17.93 -2.89 -13.41
C LEU A 93 18.43 -3.08 -11.99
N THR A 94 18.82 -1.99 -11.31
CA THR A 94 19.36 -2.08 -9.94
C THR A 94 18.22 -2.51 -9.01
N LEU A 95 17.01 -2.04 -9.27
CA LEU A 95 15.82 -2.46 -8.47
C LEU A 95 15.77 -3.99 -8.53
N GLN A 96 16.00 -4.59 -9.70
CA GLN A 96 15.87 -6.07 -9.83
C GLN A 96 16.81 -6.74 -8.85
N GLN A 97 18.04 -6.24 -8.78
CA GLN A 97 19.14 -6.84 -7.98
C GLN A 97 18.85 -6.68 -6.47
N GLN A 98 17.94 -5.81 -6.07
CA GLN A 98 17.63 -5.68 -4.62
C GLN A 98 16.94 -6.96 -4.10
N LEU A 99 16.48 -7.87 -4.96
CA LEU A 99 15.82 -9.13 -4.54
C LEU A 99 16.75 -10.32 -4.84
N ALA A 100 17.95 -10.05 -5.30
CA ALA A 100 18.92 -11.13 -5.62
C ALA A 100 18.96 -12.14 -4.47
N GLY A 101 18.83 -13.43 -4.81
CA GLY A 101 18.92 -14.54 -3.83
C GLY A 101 17.59 -14.82 -3.16
N GLN A 102 16.57 -14.00 -3.35
CA GLN A 102 15.29 -14.18 -2.62
C GLN A 102 14.33 -15.00 -3.49
N PHE A 103 14.29 -14.74 -4.81
CA PHE A 103 13.26 -15.27 -5.73
C PHE A 103 13.93 -15.68 -7.04
N ASP A 104 15.12 -16.31 -6.96
CA ASP A 104 16.01 -16.50 -8.15
C ASP A 104 15.38 -17.54 -9.09
N ASP A 105 14.44 -18.34 -8.59
CA ASP A 105 13.78 -19.46 -9.29
C ASP A 105 12.48 -18.98 -9.96
N LEU A 106 11.97 -17.80 -9.63
CA LEU A 106 10.69 -17.34 -10.17
C LEU A 106 10.88 -16.57 -11.47
N PRO A 107 9.87 -16.68 -12.34
CA PRO A 107 9.74 -15.86 -13.54
C PRO A 107 9.47 -14.40 -13.14
N TRP A 108 10.01 -13.47 -13.94
CA TRP A 108 9.94 -12.05 -13.60
C TRP A 108 9.17 -11.37 -14.72
N VAL A 109 8.09 -10.67 -14.40
CA VAL A 109 7.37 -9.88 -15.42
C VAL A 109 7.59 -8.40 -15.11
N VAL A 110 7.83 -7.61 -16.16
CA VAL A 110 7.84 -6.14 -16.07
C VAL A 110 6.52 -5.66 -16.64
N PHE A 111 5.85 -4.81 -15.85
CA PHE A 111 4.70 -3.99 -16.22
C PHE A 111 5.14 -2.55 -16.20
N GLY A 112 4.98 -1.88 -17.36
CA GLY A 112 5.44 -0.52 -17.55
C GLY A 112 4.30 0.29 -18.09
N HIS A 113 3.93 1.36 -17.36
CA HIS A 113 2.92 2.35 -17.82
C HIS A 113 3.57 3.66 -18.30
N SER A 114 3.22 4.09 -19.52
CA SER A 114 3.53 5.40 -20.16
C SER A 114 5.04 5.63 -20.40
N TRP A 115 5.64 6.57 -19.66
CA TRP A 115 7.12 6.68 -19.60
C TRP A 115 7.67 5.29 -19.18
N GLY A 116 7.05 4.64 -18.19
CA GLY A 116 7.45 3.29 -17.81
C GLY A 116 7.30 2.28 -18.96
N SER A 117 6.37 2.47 -19.90
CA SER A 117 6.31 1.55 -21.08
C SER A 117 7.60 1.71 -21.91
N MET A 118 8.14 2.92 -21.93
CA MET A 118 9.36 3.32 -22.71
C MET A 118 10.63 2.81 -21.97
N ILE A 119 10.65 2.96 -20.65
CA ILE A 119 11.70 2.35 -19.80
C ILE A 119 11.67 0.82 -19.95
N ALA A 120 10.50 0.16 -19.84
CA ALA A 120 10.38 -1.31 -19.95
C ALA A 120 10.95 -1.76 -21.30
N ARG A 121 10.54 -1.11 -22.37
CA ARG A 121 10.96 -1.52 -23.71
C ARG A 121 12.48 -1.36 -23.83
N ALA A 122 13.02 -0.25 -23.32
CA ALA A 122 14.47 0.00 -23.36
C ALA A 122 15.21 -1.10 -22.55
N MET A 123 14.69 -1.54 -21.41
CA MET A 123 15.31 -2.61 -20.56
C MET A 123 15.40 -3.94 -21.33
N ALA A 124 14.44 -4.25 -22.21
CA ALA A 124 14.24 -5.60 -22.81
C ALA A 124 15.35 -5.91 -23.78
N THR A 125 16.00 -4.85 -24.28
CA THR A 125 17.08 -4.90 -25.30
C THR A 125 18.42 -5.15 -24.60
N ARG A 126 18.45 -5.19 -23.26
CA ARG A 126 19.73 -5.23 -22.50
C ARG A 126 20.03 -6.66 -22.07
N PRO A 127 21.25 -7.16 -22.38
CA PRO A 127 21.76 -8.40 -21.77
C PRO A 127 21.66 -8.39 -20.24
N GLY A 128 21.08 -9.45 -19.66
CA GLY A 128 21.08 -9.71 -18.20
C GLY A 128 19.95 -9.01 -17.45
N THR A 129 19.10 -8.23 -18.13
CA THR A 129 17.78 -7.86 -17.55
C THR A 129 17.11 -9.18 -17.12
N ARG A 130 16.42 -9.23 -15.97
CA ARG A 130 15.43 -10.30 -15.68
C ARG A 130 14.12 -9.97 -16.41
N LEU A 131 13.69 -10.80 -17.37
CA LEU A 131 12.45 -10.51 -18.12
C LEU A 131 11.90 -11.80 -18.73
N ASP A 132 10.88 -12.35 -18.12
CA ASP A 132 10.26 -13.61 -18.61
C ASP A 132 8.96 -13.28 -19.34
N GLY A 133 8.40 -12.09 -19.11
CA GLY A 133 7.25 -11.53 -19.84
C GLY A 133 7.21 -10.03 -19.70
N LEU A 134 6.69 -9.37 -20.72
CA LEU A 134 6.69 -7.91 -20.86
C LEU A 134 5.22 -7.48 -21.01
N ALA A 135 4.78 -6.60 -20.09
CA ALA A 135 3.44 -6.01 -20.10
C ALA A 135 3.60 -4.50 -20.17
N LEU A 136 2.96 -3.93 -21.18
CA LEU A 136 2.99 -2.49 -21.45
C LEU A 136 1.57 -1.93 -21.37
N CYS A 137 1.48 -0.74 -20.78
CA CYS A 137 0.24 -0.01 -20.56
C CYS A 137 0.43 1.44 -20.93
N GLY A 138 -0.59 2.04 -21.49
CA GLY A 138 -0.51 3.49 -21.82
C GLY A 138 0.60 3.76 -22.80
N ILE A 139 0.71 2.92 -23.80
CA ILE A 139 1.94 2.79 -24.61
C ILE A 139 2.19 4.08 -25.41
N VAL A 140 3.42 4.61 -25.35
CA VAL A 140 3.81 5.78 -26.18
C VAL A 140 4.37 5.22 -27.47
N ALA A 141 3.72 5.48 -28.59
CA ALA A 141 4.14 4.95 -29.89
C ALA A 141 3.45 5.71 -31.01
N GLN A 142 4.28 6.35 -31.82
CA GLN A 142 3.88 7.15 -32.99
C GLN A 142 3.09 8.42 -32.65
N PRO A 143 3.17 9.10 -31.49
CA PRO A 143 2.43 10.33 -31.34
C PRO A 143 3.17 11.41 -32.14
N ARG A 144 2.42 12.34 -32.73
CA ARG A 144 3.01 13.41 -33.59
C ARG A 144 4.17 14.13 -32.89
N GLY A 145 3.96 14.54 -31.63
CA GLY A 145 4.96 15.28 -30.85
C GLY A 145 6.33 14.66 -30.94
N PHE A 146 6.54 13.44 -30.40
CA PHE A 146 7.88 12.81 -30.46
C PHE A 146 8.26 12.58 -31.94
N GLU A 147 7.32 12.15 -32.78
CA GLU A 147 7.65 11.70 -34.16
C GLU A 147 8.06 12.87 -35.06
N THR A 148 7.41 14.03 -34.98
CA THR A 148 7.50 15.12 -35.99
C THR A 148 7.68 16.49 -35.32
N THR A 149 6.83 16.84 -34.38
CA THR A 149 6.71 18.23 -33.88
C THR A 149 7.95 18.63 -33.09
N LEU A 150 8.46 17.76 -32.19
CA LEU A 150 9.61 18.12 -31.34
C LEU A 150 10.82 18.44 -32.23
N ASP A 151 11.38 19.63 -32.10
CA ASP A 151 12.49 20.10 -32.98
C ASP A 151 13.85 19.77 -32.37
N HIS A 152 14.54 18.76 -32.91
CA HIS A 152 15.79 18.22 -32.34
C HIS A 152 16.95 19.22 -32.50
N LYS A 153 16.90 20.09 -33.51
CA LYS A 153 17.88 21.19 -33.68
C LYS A 153 17.71 22.16 -32.51
N THR A 154 16.46 22.52 -32.18
CA THR A 154 16.21 23.42 -31.03
C THR A 154 16.60 22.70 -29.72
N LEU A 155 16.27 21.42 -29.58
CA LEU A 155 16.69 20.66 -28.36
C LEU A 155 18.23 20.66 -28.23
N ALA A 156 18.97 20.43 -29.34
CA ALA A 156 20.45 20.36 -29.29
C ALA A 156 21.02 21.71 -28.85
N LYS A 157 20.46 22.81 -29.35
CA LYS A 157 20.88 24.18 -28.98
C LYS A 157 20.67 24.36 -27.48
N ALA A 158 19.50 24.02 -26.97
CA ALA A 158 19.20 24.13 -25.52
C ALA A 158 20.21 23.29 -24.71
N MET A 159 20.49 22.05 -25.13
CA MET A 159 21.43 21.16 -24.37
C MET A 159 22.87 21.70 -24.42
N ALA A 160 23.25 22.31 -25.54
CA ALA A 160 24.64 22.81 -25.72
C ALA A 160 24.89 23.98 -24.76
N THR A 161 23.86 24.78 -24.50
CA THR A 161 24.01 26.10 -23.82
C THR A 161 23.53 26.04 -22.38
N ALA A 162 22.47 25.29 -22.07
CA ALA A 162 21.78 25.37 -20.77
C ALA A 162 21.05 24.08 -20.39
N PRO A 163 21.75 22.93 -20.28
CA PRO A 163 21.11 21.64 -20.06
C PRO A 163 20.34 21.53 -18.72
N THR A 164 20.74 22.29 -17.69
CA THR A 164 20.09 22.16 -16.36
C THR A 164 19.02 23.24 -16.17
N ASP A 165 18.85 24.17 -17.12
CA ASP A 165 17.74 25.17 -17.05
C ASP A 165 16.41 24.43 -17.21
N PRO A 166 15.30 25.06 -16.78
CA PRO A 166 13.96 24.59 -17.09
C PRO A 166 13.78 24.40 -18.60
N ALA A 167 13.13 23.32 -19.03
CA ALA A 167 12.92 23.06 -20.46
C ALA A 167 12.19 24.26 -21.07
N PRO A 168 12.65 24.78 -22.22
CA PRO A 168 11.97 25.89 -22.89
C PRO A 168 10.52 25.50 -23.18
N GLU A 169 9.57 26.40 -22.92
CA GLU A 169 8.12 26.08 -23.04
C GLU A 169 7.81 25.65 -24.48
N ALA A 170 8.59 26.09 -25.49
CA ALA A 170 8.30 25.71 -26.88
C ALA A 170 8.58 24.20 -27.09
N LEU A 171 9.67 23.67 -26.53
CA LEU A 171 10.01 22.23 -26.67
C LEU A 171 8.96 21.38 -25.93
N VAL A 172 8.49 21.85 -24.78
CA VAL A 172 7.48 21.10 -23.99
C VAL A 172 6.17 21.07 -24.77
N ALA A 173 5.73 22.21 -25.31
CA ALA A 173 4.55 22.25 -26.18
C ALA A 173 4.74 21.29 -27.36
N GLN A 174 5.90 21.25 -28.01
CA GLN A 174 6.06 20.44 -29.25
C GLN A 174 5.95 18.97 -28.88
N MET A 175 6.60 18.61 -27.78
CA MET A 175 6.62 17.19 -27.31
C MET A 175 5.17 16.68 -27.09
N PHE A 176 4.26 17.53 -26.57
CA PHE A 176 2.88 17.15 -26.20
C PHE A 176 1.89 17.55 -27.30
N ASP A 177 2.38 17.95 -28.48
CA ASP A 177 1.55 18.47 -29.59
C ASP A 177 0.43 17.48 -29.91
N GLY A 178 -0.83 17.92 -29.84
CA GLY A 178 -2.01 17.11 -30.18
C GLY A 178 -2.57 16.29 -29.02
N PHE A 179 -1.98 16.38 -27.83
CA PHE A 179 -2.47 15.57 -26.69
C PHE A 179 -3.91 16.05 -26.30
N ALA A 180 -4.35 17.26 -26.68
CA ALA A 180 -5.69 17.78 -26.33
C ALA A 180 -6.61 17.82 -27.55
N ASP A 181 -6.25 17.10 -28.63
CA ASP A 181 -7.02 17.06 -29.89
C ASP A 181 -8.43 16.50 -29.63
N ARG A 182 -8.63 15.64 -28.63
CA ARG A 182 -9.97 15.07 -28.36
C ARG A 182 -10.50 15.50 -26.99
N LEU A 183 -10.01 16.63 -26.47
CA LEU A 183 -10.41 17.12 -25.14
C LEU A 183 -11.24 18.41 -25.28
N SER A 184 -12.14 18.64 -24.33
CA SER A 184 -12.83 19.93 -24.19
C SER A 184 -12.05 20.80 -23.21
N GLU A 185 -12.42 22.07 -23.17
CA GLU A 185 -11.71 23.03 -22.29
C GLU A 185 -11.88 22.60 -20.85
N ASP A 186 -13.06 22.12 -20.47
CA ASP A 186 -13.40 21.71 -19.09
C ASP A 186 -12.69 20.41 -18.70
N ASP A 187 -12.28 19.58 -19.65
CA ASP A 187 -11.46 18.37 -19.34
C ASP A 187 -10.13 18.82 -18.75
N GLY A 188 -9.68 20.03 -19.11
CA GLY A 188 -8.45 20.64 -18.63
C GLY A 188 -7.24 20.02 -19.32
N PRO A 189 -6.03 20.53 -19.06
CA PRO A 189 -4.87 20.14 -19.86
C PRO A 189 -4.47 18.68 -19.65
N THR A 190 -4.85 18.07 -18.54
CA THR A 190 -4.51 16.65 -18.27
C THR A 190 -5.74 15.76 -18.50
N GLY A 191 -6.74 16.20 -19.28
CA GLY A 191 -7.92 15.38 -19.57
C GLY A 191 -7.56 14.10 -20.30
N TRP A 192 -6.44 14.06 -21.01
CA TRP A 192 -5.98 12.86 -21.75
C TRP A 192 -5.72 11.71 -20.76
N VAL A 193 -5.51 11.99 -19.49
CA VAL A 193 -5.11 10.92 -18.49
C VAL A 193 -6.19 9.83 -18.38
N ALA A 194 -7.47 10.21 -18.37
CA ALA A 194 -8.64 9.29 -18.28
C ALA A 194 -9.94 9.97 -18.74
N ARG A 195 -10.86 9.18 -19.30
CA ARG A 195 -12.25 9.62 -19.54
C ARG A 195 -12.83 10.04 -18.19
N SER A 196 -12.50 9.32 -17.11
CA SER A 196 -13.10 9.54 -15.75
C SER A 196 -12.61 10.88 -15.21
N LYS A 197 -13.52 11.87 -15.11
CA LYS A 197 -13.15 13.21 -14.57
C LYS A 197 -12.69 13.04 -13.13
N GLU A 198 -13.15 11.97 -12.47
CA GLU A 198 -12.76 11.68 -11.06
C GLU A 198 -11.27 11.30 -11.03
N VAL A 199 -10.88 10.32 -11.84
CA VAL A 199 -9.46 9.88 -11.91
C VAL A 199 -8.57 11.10 -12.18
N VAL A 200 -8.93 11.96 -13.14
CA VAL A 200 -8.06 13.12 -13.48
C VAL A 200 -7.96 14.04 -12.25
N ALA A 201 -9.06 14.24 -11.53
CA ALA A 201 -9.08 15.15 -10.38
C ALA A 201 -8.16 14.57 -9.31
N ASP A 202 -8.22 13.26 -9.07
CA ASP A 202 -7.38 12.59 -8.03
C ASP A 202 -5.90 12.70 -8.46
N HIS A 203 -5.62 12.49 -9.74
CA HIS A 203 -4.26 12.63 -10.31
C HIS A 203 -3.73 14.04 -10.00
N GLY A 204 -4.57 15.08 -10.14
CA GLY A 204 -4.15 16.45 -9.88
C GLY A 204 -3.87 16.74 -8.41
N LYS A 205 -4.63 16.10 -7.53
CA LYS A 205 -4.64 16.40 -6.08
C LYS A 205 -3.51 15.65 -5.36
N ASP A 206 -3.12 14.48 -5.84
CA ASP A 206 -2.17 13.57 -5.14
C ASP A 206 -0.82 14.23 -4.99
N LYS A 207 -0.40 14.49 -3.77
CA LYS A 207 0.86 15.23 -3.54
C LYS A 207 2.09 14.43 -3.99
N PHE A 208 1.98 13.12 -4.12
CA PHE A 208 3.12 12.31 -4.61
C PHE A 208 3.20 12.23 -6.13
N ASN A 209 2.21 12.76 -6.84
CA ASN A 209 2.35 13.01 -8.31
C ASN A 209 3.09 14.31 -8.51
N ASN A 210 2.45 15.41 -8.07
CA ASN A 210 2.97 16.77 -8.35
C ASN A 210 3.12 16.91 -9.86
N PHE A 211 2.16 16.38 -10.62
CA PHE A 211 2.22 16.43 -12.09
C PHE A 211 2.28 17.90 -12.53
N GLY A 212 3.20 18.27 -13.41
CA GLY A 212 3.31 19.66 -13.93
C GLY A 212 4.46 20.46 -13.34
N ALA A 213 5.19 19.93 -12.36
CA ALA A 213 6.48 20.53 -11.92
C ALA A 213 7.28 20.72 -13.19
N PRO A 214 7.99 21.85 -13.36
CA PRO A 214 8.78 22.12 -14.56
C PRO A 214 9.91 21.12 -14.74
N MET A 215 9.92 20.41 -15.87
CA MET A 215 11.03 19.52 -16.21
C MET A 215 12.24 20.38 -16.60
N SER A 216 13.44 19.89 -16.33
CA SER A 216 14.70 20.48 -16.87
C SER A 216 14.82 20.14 -18.36
N THR A 217 15.70 20.84 -19.05
CA THR A 217 16.11 20.55 -20.43
C THR A 217 16.74 19.15 -20.54
N ARG A 218 17.66 18.81 -19.66
CA ARG A 218 18.30 17.47 -19.76
C ARG A 218 17.24 16.39 -19.50
N PHE A 219 16.20 16.68 -18.71
CA PHE A 219 15.17 15.63 -18.48
C PHE A 219 14.33 15.42 -19.75
N LEU A 220 14.01 16.53 -20.39
CA LEU A 220 13.27 16.49 -21.66
C LEU A 220 14.08 15.70 -22.68
N GLN A 221 15.40 15.93 -22.74
CA GLN A 221 16.27 15.16 -23.67
C GLN A 221 16.16 13.66 -23.34
N GLY A 222 16.11 13.29 -22.04
CA GLY A 222 15.93 11.86 -21.66
C GLY A 222 14.59 11.31 -22.21
N LEU A 223 13.56 12.13 -22.30
CA LEU A 223 12.26 11.61 -22.83
C LEU A 223 12.39 11.37 -24.33
N ALA A 224 12.99 12.32 -25.07
CA ALA A 224 13.30 12.14 -26.51
C ALA A 224 14.20 10.91 -26.72
N ASP A 225 15.24 10.77 -25.90
CA ASP A 225 16.16 9.59 -25.98
C ASP A 225 15.40 8.28 -25.75
N ILE A 226 14.56 8.17 -24.71
CA ILE A 226 13.96 6.86 -24.37
C ILE A 226 12.84 6.52 -25.36
N TYR A 227 12.26 7.57 -25.98
CA TYR A 227 11.29 7.39 -27.08
C TYR A 227 11.96 6.59 -28.21
N ALA A 228 13.15 7.02 -28.57
CA ALA A 228 13.92 6.39 -29.66
C ALA A 228 14.36 4.99 -29.25
N MET A 229 14.83 4.82 -28.01
CA MET A 229 15.28 3.49 -27.52
C MET A 229 14.08 2.50 -27.54
N ALA A 230 12.88 2.97 -27.18
CA ALA A 230 11.71 2.07 -27.04
C ALA A 230 11.09 1.73 -28.40
N ASN A 231 11.18 2.65 -29.37
CA ASN A 231 10.37 2.57 -30.61
C ASN A 231 11.28 2.36 -31.83
N GLY A 232 12.59 2.45 -31.66
CA GLY A 232 13.55 2.28 -32.77
C GLY A 232 13.70 0.85 -33.25
N ASP A 233 14.42 0.64 -34.34
CA ASP A 233 14.59 -0.69 -34.94
C ASP A 233 15.24 -1.66 -33.95
N SER A 234 16.17 -1.22 -33.10
CA SER A 234 16.86 -2.14 -32.16
C SER A 234 15.82 -2.80 -31.22
N PHE A 235 14.78 -2.09 -30.81
CA PHE A 235 13.74 -2.69 -29.94
C PHE A 235 13.16 -3.94 -30.61
N TYR A 236 12.71 -3.79 -31.85
CA TYR A 236 12.03 -4.86 -32.61
C TYR A 236 13.07 -5.95 -32.91
N ALA A 237 14.30 -5.59 -33.25
CA ALA A 237 15.33 -6.54 -33.72
C ALA A 237 15.86 -7.37 -32.55
N THR A 238 15.82 -6.85 -31.31
CA THR A 238 16.41 -7.53 -30.13
C THR A 238 15.34 -8.05 -29.14
N MET A 239 14.05 -7.79 -29.41
CA MET A 239 12.94 -8.24 -28.53
C MET A 239 13.11 -9.72 -28.16
N PRO A 240 13.16 -10.08 -26.85
CA PRO A 240 13.34 -11.46 -26.41
C PRO A 240 12.16 -12.38 -26.80
N ASN A 241 12.42 -13.69 -26.91
CA ASN A 241 11.36 -14.66 -27.31
C ASN A 241 10.51 -14.99 -26.09
N ILE A 242 9.79 -14.01 -25.62
CA ILE A 242 8.92 -14.11 -24.43
C ILE A 242 7.53 -13.56 -24.74
N PRO A 243 6.51 -13.91 -23.94
CA PRO A 243 5.19 -13.33 -24.02
C PRO A 243 5.16 -11.82 -23.74
N ILE A 244 4.43 -11.16 -24.61
CA ILE A 244 4.13 -9.70 -24.56
C ILE A 244 2.61 -9.45 -24.45
N VAL A 245 2.13 -8.55 -23.56
CA VAL A 245 0.73 -8.08 -23.52
C VAL A 245 0.78 -6.55 -23.53
N LEU A 246 -0.10 -5.97 -24.31
CA LEU A 246 -0.25 -4.52 -24.52
C LEU A 246 -1.63 -4.10 -24.05
N PHE A 247 -1.72 -3.05 -23.24
CA PHE A 247 -3.03 -2.48 -22.84
C PHE A 247 -3.02 -1.00 -23.18
N ALA A 248 -3.98 -0.57 -23.95
CA ALA A 248 -4.10 0.86 -24.33
C ALA A 248 -5.54 1.25 -24.59
N GLY A 249 -5.84 2.52 -24.35
CA GLY A 249 -7.10 3.14 -24.74
C GLY A 249 -7.07 3.70 -26.15
N SER A 250 -8.18 3.56 -26.88
CA SER A 250 -8.31 4.01 -28.27
C SER A 250 -8.22 5.53 -28.34
N GLU A 251 -8.60 6.23 -27.26
CA GLU A 251 -8.60 7.72 -27.22
C GLU A 251 -7.41 8.22 -26.40
N ASP A 252 -6.28 7.49 -26.49
CA ASP A 252 -5.06 7.85 -25.76
C ASP A 252 -4.18 8.52 -26.81
N PRO A 253 -3.91 9.84 -26.71
CA PRO A 253 -2.95 10.48 -27.63
C PRO A 253 -1.53 9.88 -27.62
N ALA A 254 -1.05 9.27 -26.51
CA ALA A 254 0.34 8.76 -26.37
C ALA A 254 0.56 7.64 -27.39
N GLY A 255 -0.49 6.90 -27.78
CA GLY A 255 -0.37 5.78 -28.76
C GLY A 255 -0.86 6.22 -30.15
N ASP A 256 -1.00 7.52 -30.37
CA ASP A 256 -1.58 8.12 -31.61
C ASP A 256 -3.03 7.61 -31.75
N PHE A 257 -3.79 7.69 -30.66
CA PHE A 257 -5.22 7.30 -30.67
C PHE A 257 -5.42 5.88 -31.23
N GLY A 258 -4.74 4.93 -30.63
CA GLY A 258 -4.82 3.50 -30.99
C GLY A 258 -3.88 3.13 -32.14
N THR A 259 -3.71 4.03 -33.13
CA THR A 259 -2.98 3.75 -34.38
C THR A 259 -1.54 3.31 -34.11
N GLY A 260 -0.86 3.96 -33.18
CA GLY A 260 0.54 3.63 -32.86
C GLY A 260 0.66 2.31 -32.14
N VAL A 261 -0.28 2.01 -31.24
CA VAL A 261 -0.26 0.72 -30.51
C VAL A 261 -0.51 -0.43 -31.50
N LYS A 262 -1.44 -0.26 -32.45
CA LYS A 262 -1.63 -1.26 -33.51
C LYS A 262 -0.32 -1.48 -34.25
N ALA A 263 0.45 -0.42 -34.54
CA ALA A 263 1.72 -0.50 -35.31
C ALA A 263 2.68 -1.36 -34.50
N VAL A 264 2.78 -1.10 -33.19
CA VAL A 264 3.64 -1.96 -32.30
C VAL A 264 3.25 -3.44 -32.37
N ALA A 265 1.99 -3.79 -32.13
CA ALA A 265 1.55 -5.19 -32.12
C ALA A 265 1.82 -5.84 -33.47
N GLU A 266 1.55 -5.10 -34.55
CA GLU A 266 1.66 -5.65 -35.93
C GLU A 266 3.11 -6.00 -36.23
N ARG A 267 4.02 -5.11 -35.85
CA ARG A 267 5.45 -5.31 -36.15
C ARG A 267 5.99 -6.49 -35.35
N LEU A 268 5.70 -6.58 -34.06
CA LEU A 268 6.06 -7.77 -33.23
C LEU A 268 5.44 -9.03 -33.86
N ARG A 269 4.15 -9.02 -34.24
CA ARG A 269 3.51 -10.25 -34.78
C ARG A 269 4.24 -10.69 -36.05
N ARG A 270 4.50 -9.75 -36.94
CA ARG A 270 5.20 -9.96 -38.24
C ARG A 270 6.49 -10.74 -38.00
N ASP A 271 7.22 -10.37 -36.95
CA ASP A 271 8.53 -10.96 -36.63
C ASP A 271 8.35 -12.27 -35.86
N GLY A 272 7.12 -12.79 -35.66
CA GLY A 272 6.83 -14.09 -35.02
C GLY A 272 6.81 -14.06 -33.50
N HIS A 273 6.59 -12.89 -32.90
CA HIS A 273 6.57 -12.77 -31.42
C HIS A 273 5.15 -13.12 -30.95
N ASN A 274 5.06 -13.40 -29.65
CA ASN A 274 3.89 -13.88 -28.89
C ASN A 274 3.28 -12.63 -28.26
N VAL A 275 2.24 -12.09 -28.89
CA VAL A 275 1.64 -10.74 -28.57
C VAL A 275 0.14 -10.89 -28.28
N GLU A 276 -0.30 -10.29 -27.18
CA GLU A 276 -1.69 -10.14 -26.73
C GLU A 276 -2.02 -8.65 -26.67
N LEU A 277 -3.01 -8.21 -27.42
CA LEU A 277 -3.39 -6.78 -27.55
C LEU A 277 -4.75 -6.55 -26.88
N HIS A 278 -4.82 -5.58 -25.96
CA HIS A 278 -6.08 -5.13 -25.34
C HIS A 278 -6.23 -3.65 -25.65
N LEU A 279 -6.97 -3.31 -26.68
CA LEU A 279 -7.27 -1.90 -27.02
C LEU A 279 -8.70 -1.58 -26.61
N TYR A 280 -8.85 -0.66 -25.66
CA TYR A 280 -10.16 -0.41 -25.01
C TYR A 280 -10.86 0.77 -25.70
N ASP A 281 -11.94 0.49 -26.41
CA ASP A 281 -12.65 1.52 -27.20
C ASP A 281 -13.08 2.64 -26.26
N GLY A 282 -12.85 3.90 -26.65
CA GLY A 282 -13.43 5.12 -26.07
C GLY A 282 -12.68 5.60 -24.86
N LEU A 283 -11.75 4.82 -24.35
CA LEU A 283 -11.03 5.14 -23.09
C LEU A 283 -9.71 5.85 -23.41
N ARG A 284 -9.18 6.60 -22.44
CA ARG A 284 -7.99 7.45 -22.66
C ARG A 284 -6.79 6.73 -22.05
N HIS A 285 -5.83 7.45 -21.48
CA HIS A 285 -4.47 6.93 -21.30
C HIS A 285 -4.42 5.85 -20.20
N GLU A 286 -4.98 6.11 -19.02
CA GLU A 286 -4.72 5.22 -17.85
C GLU A 286 -5.78 4.11 -17.82
N VAL A 287 -5.70 3.10 -18.70
CA VAL A 287 -6.76 2.07 -18.80
C VAL A 287 -6.72 1.19 -17.55
N HIS A 288 -5.62 1.21 -16.80
CA HIS A 288 -5.54 0.45 -15.53
C HIS A 288 -6.27 1.17 -14.38
N ASN A 289 -6.61 2.43 -14.58
CA ASN A 289 -7.29 3.26 -13.56
C ASN A 289 -8.70 3.63 -14.01
N GLU A 290 -9.00 3.58 -15.32
CA GLU A 290 -10.37 3.84 -15.84
C GLU A 290 -11.32 2.88 -15.14
N PRO A 291 -12.37 3.36 -14.47
CA PRO A 291 -13.35 2.44 -13.87
C PRO A 291 -13.91 1.42 -14.88
N GLU A 292 -14.08 1.78 -16.16
CA GLU A 292 -14.71 0.86 -17.14
C GLU A 292 -13.74 -0.32 -17.45
N SER A 293 -12.44 -0.13 -17.36
CA SER A 293 -11.46 -1.16 -17.81
C SER A 293 -10.54 -1.71 -16.72
N ARG A 294 -10.51 -1.14 -15.53
CA ARG A 294 -9.49 -1.55 -14.52
C ARG A 294 -9.55 -3.05 -14.27
N ALA A 295 -10.74 -3.60 -13.98
CA ALA A 295 -10.91 -5.03 -13.63
C ALA A 295 -10.38 -5.91 -14.77
N ASP A 296 -10.72 -5.56 -16.00
CA ASP A 296 -10.25 -6.29 -17.21
C ASP A 296 -8.73 -6.22 -17.33
N VAL A 297 -8.11 -5.07 -17.17
CA VAL A 297 -6.61 -4.92 -17.26
C VAL A 297 -5.96 -5.82 -16.19
N GLU A 298 -6.45 -5.72 -14.98
CA GLU A 298 -5.87 -6.52 -13.87
C GLU A 298 -6.10 -8.00 -14.10
N SER A 299 -7.35 -8.46 -14.38
CA SER A 299 -7.61 -9.90 -14.60
C SER A 299 -6.80 -10.40 -15.80
N SER A 300 -6.62 -9.59 -16.84
CA SER A 300 -5.83 -9.95 -18.04
C SER A 300 -4.36 -10.11 -17.65
N LEU A 301 -3.89 -9.24 -16.77
CA LEU A 301 -2.48 -9.23 -16.35
C LEU A 301 -2.22 -10.47 -15.50
N VAL A 302 -3.06 -10.76 -14.55
CA VAL A 302 -2.96 -12.01 -13.74
C VAL A 302 -2.90 -13.24 -14.64
N THR A 303 -3.81 -13.39 -15.59
CA THR A 303 -3.85 -14.59 -16.47
C THR A 303 -2.54 -14.65 -17.27
N PHE A 304 -2.05 -13.50 -17.70
CA PHE A 304 -0.80 -13.32 -18.50
C PHE A 304 0.41 -13.78 -17.68
N VAL A 305 0.51 -13.29 -16.45
CA VAL A 305 1.62 -13.71 -15.55
C VAL A 305 1.53 -15.21 -15.31
N ASP A 306 0.34 -15.77 -15.04
CA ASP A 306 0.15 -17.24 -14.84
C ASP A 306 0.65 -18.01 -16.09
N ARG A 307 0.38 -17.50 -17.28
CA ARG A 307 0.77 -18.14 -18.55
C ARG A 307 2.29 -18.10 -18.67
N VAL A 308 2.90 -16.94 -18.36
CA VAL A 308 4.39 -16.78 -18.35
C VAL A 308 4.97 -17.80 -17.38
N ALA A 309 4.40 -17.97 -16.19
CA ALA A 309 4.97 -18.93 -15.23
C ALA A 309 4.77 -20.37 -15.70
N ASN A 310 3.62 -20.65 -16.31
CA ASN A 310 3.25 -21.99 -16.83
C ASN A 310 4.32 -22.35 -17.88
N ARG A 311 4.60 -21.43 -18.79
CA ARG A 311 5.62 -21.62 -19.85
C ARG A 311 7.00 -21.97 -19.26
N ALA B 2 -5.37 9.33 -3.89
CA ALA B 2 -4.28 10.18 -3.38
C ALA B 2 -3.72 9.54 -2.10
N LEU B 3 -2.48 9.87 -1.81
CA LEU B 3 -1.74 9.34 -0.65
C LEU B 3 -1.19 10.53 0.11
N GLN B 4 -1.42 10.52 1.43
CA GLN B 4 -0.78 11.49 2.34
C GLN B 4 0.12 10.73 3.30
N GLU B 5 1.34 11.24 3.48
CA GLU B 5 2.24 10.80 4.56
C GLU B 5 2.08 11.82 5.67
N ILE B 6 1.75 11.30 6.85
CA ILE B 6 1.54 12.08 8.09
C ILE B 6 2.57 11.59 9.11
N GLU B 7 3.21 12.51 9.76
CA GLU B 7 4.11 12.21 10.89
C GLU B 7 3.67 13.19 11.95
N PHE B 8 3.72 12.75 13.20
CA PHE B 8 3.60 13.70 14.33
C PHE B 8 4.36 13.12 15.49
N THR B 9 4.78 13.98 16.39
CA THR B 9 5.44 13.54 17.64
C THR B 9 4.41 12.82 18.50
N SER B 10 4.72 11.58 18.90
CA SER B 10 3.97 10.80 19.90
C SER B 10 3.78 11.61 21.18
N HIS B 11 2.71 11.31 21.89
CA HIS B 11 2.49 11.72 23.29
C HIS B 11 3.71 11.32 24.15
N ASN B 12 4.46 10.28 23.79
CA ASN B 12 5.66 9.89 24.59
C ASN B 12 6.83 10.85 24.37
N GLY B 13 6.73 11.80 23.43
CA GLY B 13 7.79 12.80 23.17
C GLY B 13 9.06 12.26 22.53
N ARG B 14 9.12 10.96 22.20
CA ARG B 14 10.30 10.27 21.65
C ARG B 14 10.07 9.94 20.18
N ASP B 15 8.97 9.25 19.87
CA ASP B 15 8.72 8.64 18.54
C ASP B 15 8.12 9.66 17.58
N ALA B 16 8.63 9.70 16.33
CA ALA B 16 7.87 10.26 15.19
C ALA B 16 6.90 9.17 14.72
N ILE B 17 5.62 9.33 15.06
CA ILE B 17 4.58 8.37 14.60
C ILE B 17 4.49 8.46 13.07
N GLN B 18 4.76 7.34 12.41
CA GLN B 18 4.61 7.18 10.96
C GLN B 18 3.13 6.86 10.65
N ALA B 19 2.47 7.65 9.80
CA ALA B 19 1.03 7.47 9.51
C ALA B 19 0.78 7.75 8.02
N TRP B 20 -0.31 7.23 7.52
CA TRP B 20 -0.75 7.39 6.12
C TRP B 20 -2.25 7.69 6.06
N ALA B 21 -2.68 8.52 5.12
CA ALA B 21 -4.09 8.63 4.75
C ALA B 21 -4.19 8.24 3.28
N TYR B 22 -5.18 7.44 2.99
CA TYR B 22 -5.52 6.92 1.63
C TYR B 22 -6.89 7.47 1.20
N GLU B 23 -6.92 8.25 0.10
CA GLU B 23 -8.20 8.83 -0.37
C GLU B 23 -8.62 8.15 -1.67
N PRO B 24 -9.89 7.75 -1.76
CA PRO B 24 -10.39 7.14 -2.98
C PRO B 24 -10.58 8.25 -4.02
N VAL B 25 -10.68 7.81 -5.25
CA VAL B 25 -11.16 8.64 -6.39
C VAL B 25 -12.60 9.06 -6.10
N GLY B 26 -12.99 10.27 -6.46
CA GLY B 26 -14.38 10.71 -6.31
C GLY B 26 -14.64 11.28 -4.92
N THR B 27 -15.88 11.23 -4.49
CA THR B 27 -16.34 11.90 -3.25
C THR B 27 -16.54 10.82 -2.20
N PRO B 28 -15.68 10.77 -1.17
CA PRO B 28 -15.79 9.71 -0.18
C PRO B 28 -17.03 9.97 0.68
N THR B 29 -17.52 8.90 1.30
CA THR B 29 -18.77 8.91 2.11
C THR B 29 -18.49 8.63 3.59
N ALA B 30 -17.27 8.28 3.94
CA ALA B 30 -16.90 7.89 5.32
C ALA B 30 -15.38 7.88 5.46
N VAL B 31 -14.93 7.91 6.72
CA VAL B 31 -13.50 7.74 7.07
C VAL B 31 -13.43 6.49 7.92
N VAL B 32 -12.55 5.59 7.56
CA VAL B 32 -12.24 4.41 8.41
C VAL B 32 -10.82 4.56 8.97
N GLN B 33 -10.66 4.47 10.29
CA GLN B 33 -9.37 4.54 11.01
C GLN B 33 -9.03 3.10 11.45
N ILE B 34 -8.01 2.50 10.85
CA ILE B 34 -7.47 1.17 11.21
C ILE B 34 -6.43 1.30 12.32
N ILE B 35 -6.63 0.52 13.39
CA ILE B 35 -5.78 0.42 14.59
C ILE B 35 -5.27 -1.02 14.73
N HIS B 36 -4.03 -1.20 14.30
CA HIS B 36 -3.33 -2.48 14.24
C HIS B 36 -3.09 -2.99 15.67
N GLY B 37 -2.72 -4.23 15.74
CA GLY B 37 -2.51 -4.96 17.00
C GLY B 37 -1.06 -5.10 17.40
N LEU B 38 -0.81 -5.89 18.44
CA LEU B 38 0.54 -6.07 19.00
C LEU B 38 1.45 -6.79 18.00
N GLY B 39 2.64 -6.23 17.81
CA GLY B 39 3.67 -6.91 17.03
C GLY B 39 3.36 -6.95 15.55
N GLU B 40 2.54 -6.03 15.07
CA GLU B 40 2.27 -5.86 13.63
C GLU B 40 2.31 -4.37 13.25
N HIS B 41 1.73 -4.01 12.10
CA HIS B 41 1.85 -2.68 11.51
C HIS B 41 0.69 -2.41 10.55
N SER B 42 0.46 -1.13 10.22
CA SER B 42 -0.72 -0.67 9.46
C SER B 42 -0.65 -1.07 8.01
N ARG B 43 0.55 -1.18 7.46
CA ARG B 43 0.67 -1.47 6.01
C ARG B 43 0.47 -2.98 5.74
N ARG B 44 0.37 -3.80 6.77
CA ARG B 44 -0.08 -5.21 6.69
C ARG B 44 -1.53 -5.29 6.17
N TYR B 45 -2.27 -4.18 6.30
CA TYR B 45 -3.73 -4.09 5.96
C TYR B 45 -4.00 -3.66 4.51
N LEU B 46 -3.01 -3.79 3.63
CA LEU B 46 -3.15 -3.40 2.20
C LEU B 46 -4.44 -3.95 1.57
N HIS B 47 -4.74 -5.23 1.78
CA HIS B 47 -5.96 -5.80 1.16
C HIS B 47 -7.22 -5.05 1.65
N MET B 48 -7.38 -4.96 2.96
CA MET B 48 -8.52 -4.25 3.63
C MET B 48 -8.52 -2.81 3.15
N ILE B 49 -7.38 -2.07 3.19
CA ILE B 49 -7.37 -0.64 2.77
C ILE B 49 -7.96 -0.54 1.35
N SER B 50 -7.55 -1.42 0.46
CA SER B 50 -7.94 -1.38 -0.97
C SER B 50 -9.45 -1.66 -1.10
N ALA B 51 -9.98 -2.59 -0.32
CA ALA B 51 -11.42 -2.95 -0.27
C ALA B 51 -12.23 -1.72 0.20
N LEU B 52 -11.71 -0.96 1.18
CA LEU B 52 -12.42 0.21 1.77
C LEU B 52 -12.36 1.35 0.78
N LEU B 53 -11.20 1.60 0.13
CA LEU B 53 -11.09 2.60 -0.95
C LEU B 53 -12.10 2.25 -2.05
N ASP B 54 -12.16 1.00 -2.47
CA ASP B 54 -13.09 0.51 -3.50
C ASP B 54 -14.53 0.88 -3.10
N ALA B 55 -14.85 0.85 -1.81
CA ALA B 55 -16.20 1.19 -1.29
C ALA B 55 -16.43 2.69 -1.17
N GLY B 56 -15.45 3.56 -1.47
CA GLY B 56 -15.65 5.04 -1.40
C GLY B 56 -15.31 5.65 -0.05
N PHE B 57 -14.47 4.99 0.75
CA PHE B 57 -14.05 5.49 2.08
C PHE B 57 -12.61 5.99 2.06
N VAL B 58 -12.35 7.05 2.82
CA VAL B 58 -11.00 7.49 3.27
C VAL B 58 -10.55 6.49 4.34
N VAL B 59 -9.30 6.07 4.25
CA VAL B 59 -8.65 5.17 5.26
C VAL B 59 -7.50 5.95 5.87
N ILE B 60 -7.38 5.85 7.19
CA ILE B 60 -6.25 6.49 7.89
C ILE B 60 -5.73 5.49 8.92
N ALA B 61 -4.43 5.38 9.05
CA ALA B 61 -3.81 4.40 9.98
C ALA B 61 -2.43 4.89 10.34
N ASP B 62 -1.94 4.54 11.51
CA ASP B 62 -0.53 4.81 11.88
C ASP B 62 0.11 3.48 12.38
N ASP B 63 1.42 3.43 12.36
CA ASP B 63 2.21 2.40 13.09
C ASP B 63 2.40 2.95 14.49
N HIS B 64 1.86 2.24 15.51
CA HIS B 64 1.92 2.75 16.93
C HIS B 64 3.40 2.89 17.38
N ALA B 65 3.60 3.70 18.41
CA ALA B 65 4.72 3.61 19.31
C ALA B 65 5.17 2.13 19.45
N GLY B 66 6.45 1.92 19.20
CA GLY B 66 7.18 0.65 19.38
C GLY B 66 6.89 -0.30 18.24
N HIS B 67 6.31 0.16 17.14
CA HIS B 67 5.82 -0.79 16.09
C HIS B 67 6.14 -0.33 14.67
N GLY B 68 6.37 -1.29 13.77
CA GLY B 68 6.25 -0.99 12.33
C GLY B 68 7.29 0.04 11.96
N ARG B 69 6.96 1.01 11.08
CA ARG B 69 7.96 2.01 10.59
C ARG B 69 8.30 2.99 11.70
N THR B 70 7.40 3.24 12.65
CA THR B 70 7.71 4.08 13.83
C THR B 70 8.91 3.48 14.58
N ALA B 71 8.90 2.17 14.81
CA ALA B 71 9.98 1.43 15.49
C ALA B 71 11.21 1.43 14.58
N MET B 72 11.00 1.14 13.30
CA MET B 72 12.12 1.10 12.32
C MET B 72 12.83 2.47 12.33
N GLN B 73 12.13 3.62 12.41
CA GLN B 73 12.75 4.97 12.35
C GLN B 73 13.34 5.38 13.72
N SER B 74 12.68 5.07 14.83
CA SER B 74 13.17 5.39 16.21
C SER B 74 14.23 4.38 16.69
N GLY B 75 14.25 3.18 16.15
CA GLY B 75 15.05 2.02 16.64
C GLY B 75 14.51 1.41 17.92
N VAL B 76 13.37 1.89 18.42
CA VAL B 76 12.70 1.31 19.64
C VAL B 76 11.48 0.46 19.28
N TRP B 77 11.61 -0.85 19.50
CA TRP B 77 10.55 -1.89 19.35
C TRP B 77 9.97 -2.27 20.71
N ALA B 78 8.65 -2.50 20.75
CA ALA B 78 7.90 -3.14 21.84
C ALA B 78 8.05 -2.29 23.12
N ASP B 79 8.20 -0.97 22.95
CA ASP B 79 8.14 -0.02 24.08
C ASP B 79 7.57 1.27 23.53
N ALA B 80 6.71 1.91 24.30
CA ALA B 80 5.92 3.09 23.87
C ALA B 80 6.14 4.23 24.86
N GLY B 81 7.07 4.06 25.79
CA GLY B 81 7.36 5.06 26.82
C GLY B 81 6.54 4.80 28.09
N ASP B 82 6.69 5.69 29.08
CA ASP B 82 5.85 5.66 30.30
C ASP B 82 4.36 5.85 29.94
N ASN B 83 3.47 5.38 30.80
CA ASN B 83 2.00 5.53 30.62
C ASN B 83 1.65 5.05 29.21
N ALA B 84 2.11 3.86 28.84
CA ALA B 84 2.06 3.37 27.45
C ALA B 84 0.61 3.33 26.96
N ALA B 85 -0.33 2.94 27.83
CA ALA B 85 -1.75 2.90 27.44
C ALA B 85 -2.22 4.32 27.04
N GLU B 86 -1.93 5.34 27.85
CA GLU B 86 -2.36 6.73 27.53
C GLU B 86 -1.63 7.24 26.29
N VAL B 87 -0.38 6.85 26.11
CA VAL B 87 0.42 7.24 24.90
C VAL B 87 -0.34 6.80 23.65
N VAL B 88 -0.58 5.50 23.55
CA VAL B 88 -1.17 4.96 22.27
C VAL B 88 -2.63 5.43 22.11
N ILE B 89 -3.41 5.62 23.19
CA ILE B 89 -4.77 6.22 23.12
C ILE B 89 -4.63 7.65 22.60
N SER B 90 -3.70 8.44 23.16
CA SER B 90 -3.52 9.86 22.79
C SER B 90 -3.12 9.97 21.31
N ASP B 91 -2.30 9.05 20.85
CA ASP B 91 -1.74 9.11 19.48
C ASP B 91 -2.81 8.76 18.46
N GLU B 92 -3.74 7.90 18.83
CA GLU B 92 -4.88 7.57 17.95
C GLU B 92 -5.85 8.79 17.88
N LEU B 93 -6.00 9.54 18.96
CA LEU B 93 -6.74 10.82 18.91
C LEU B 93 -6.04 11.87 18.05
N THR B 94 -4.72 11.99 18.22
CA THR B 94 -3.91 12.91 17.42
C THR B 94 -4.11 12.53 15.95
N LEU B 95 -4.05 11.24 15.64
CA LEU B 95 -4.22 10.80 14.23
C LEU B 95 -5.48 11.37 13.62
N GLN B 96 -6.61 11.33 14.34
CA GLN B 96 -7.89 11.88 13.85
C GLN B 96 -7.72 13.36 13.51
N GLN B 97 -7.00 14.08 14.36
CA GLN B 97 -6.87 15.55 14.21
C GLN B 97 -6.05 15.87 12.96
N GLN B 98 -5.29 14.92 12.40
CA GLN B 98 -4.45 15.16 11.20
C GLN B 98 -5.33 15.43 9.98
N LEU B 99 -6.61 15.02 10.00
CA LEU B 99 -7.52 15.25 8.85
C LEU B 99 -8.46 16.41 9.15
N ALA B 100 -8.29 17.09 10.26
CA ALA B 100 -9.17 18.21 10.67
C ALA B 100 -9.34 19.17 9.48
N GLY B 101 -10.60 19.50 9.16
CA GLY B 101 -10.99 20.41 8.07
C GLY B 101 -10.94 19.77 6.70
N GLN B 102 -10.53 18.50 6.58
CA GLN B 102 -10.56 17.81 5.26
C GLN B 102 -11.87 17.04 5.06
N PHE B 103 -12.37 16.33 6.09
CA PHE B 103 -13.57 15.45 5.99
C PHE B 103 -14.51 15.63 7.19
N ASP B 104 -14.73 16.88 7.62
CA ASP B 104 -15.45 17.15 8.89
C ASP B 104 -16.93 16.74 8.84
N ASP B 105 -17.50 16.68 7.64
CA ASP B 105 -18.90 16.33 7.35
C ASP B 105 -19.09 14.81 7.28
N LEU B 106 -18.01 14.01 7.36
CA LEU B 106 -18.16 12.55 7.14
C LEU B 106 -18.23 11.77 8.44
N PRO B 107 -19.02 10.65 8.40
CA PRO B 107 -19.04 9.69 9.49
C PRO B 107 -17.69 8.98 9.60
N TRP B 108 -17.32 8.66 10.83
CA TRP B 108 -15.97 8.16 11.17
C TRP B 108 -16.13 6.83 11.89
N VAL B 109 -15.62 5.75 11.29
CA VAL B 109 -15.64 4.41 11.91
C VAL B 109 -14.22 4.05 12.35
N VAL B 110 -14.08 3.49 13.56
CA VAL B 110 -12.79 2.98 14.04
C VAL B 110 -12.88 1.46 13.92
N PHE B 111 -11.92 0.86 13.23
CA PHE B 111 -11.73 -0.59 13.19
C PHE B 111 -10.45 -0.90 14.00
N GLY B 112 -10.54 -1.64 15.08
CA GLY B 112 -9.38 -2.02 15.87
C GLY B 112 -9.19 -3.52 15.94
N HIS B 113 -7.99 -4.01 15.62
CA HIS B 113 -7.68 -5.46 15.72
C HIS B 113 -6.72 -5.72 16.90
N SER B 114 -7.14 -6.62 17.80
CA SER B 114 -6.34 -7.23 18.92
C SER B 114 -6.00 -6.21 20.03
N TRP B 115 -4.73 -5.89 20.30
CA TRP B 115 -4.38 -4.67 21.09
C TRP B 115 -5.16 -3.48 20.54
N GLY B 116 -5.31 -3.41 19.22
CA GLY B 116 -6.11 -2.37 18.57
C GLY B 116 -7.58 -2.38 19.02
N SER B 117 -8.18 -3.55 19.24
CA SER B 117 -9.57 -3.64 19.77
C SER B 117 -9.62 -3.00 21.17
N MET B 118 -8.54 -3.13 21.95
CA MET B 118 -8.46 -2.57 23.34
C MET B 118 -8.32 -1.05 23.24
N ILE B 119 -7.45 -0.55 22.34
CA ILE B 119 -7.22 0.91 22.12
C ILE B 119 -8.53 1.52 21.60
N ALA B 120 -9.27 0.82 20.75
CA ALA B 120 -10.51 1.33 20.15
C ALA B 120 -11.56 1.43 21.26
N ARG B 121 -11.63 0.41 22.10
CA ARG B 121 -12.62 0.37 23.22
C ARG B 121 -12.29 1.53 24.18
N ALA B 122 -11.01 1.74 24.52
CA ALA B 122 -10.62 2.77 25.51
C ALA B 122 -10.96 4.14 24.92
N MET B 123 -10.65 4.34 23.63
CA MET B 123 -10.89 5.62 22.93
C MET B 123 -12.34 6.03 23.01
N ALA B 124 -13.20 5.03 22.84
CA ALA B 124 -14.65 5.17 22.58
C ALA B 124 -15.28 5.92 23.75
N THR B 125 -14.78 5.61 24.94
CA THR B 125 -15.23 6.07 26.28
C THR B 125 -14.78 7.50 26.57
N ARG B 126 -14.00 8.14 25.69
CA ARG B 126 -13.42 9.49 25.92
C ARG B 126 -14.26 10.53 25.20
N PRO B 127 -14.59 11.68 25.84
CA PRO B 127 -15.26 12.76 25.11
C PRO B 127 -14.27 13.44 24.14
N GLY B 128 -14.75 13.89 22.98
CA GLY B 128 -13.92 14.51 21.92
C GLY B 128 -13.59 13.53 20.80
N THR B 129 -13.55 12.23 21.08
CA THR B 129 -13.24 11.20 20.06
C THR B 129 -14.26 11.31 18.93
N ARG B 130 -13.79 11.38 17.69
CA ARG B 130 -14.65 11.15 16.51
C ARG B 130 -15.00 9.69 16.42
N LEU B 131 -16.29 9.33 16.54
CA LEU B 131 -16.70 7.91 16.56
C LEU B 131 -18.20 7.72 16.28
N ASP B 132 -18.52 7.34 15.05
CA ASP B 132 -19.94 7.14 14.63
C ASP B 132 -20.26 5.66 14.62
N GLY B 133 -19.22 4.82 14.52
CA GLY B 133 -19.38 3.37 14.58
C GLY B 133 -18.11 2.72 15.04
N LEU B 134 -18.24 1.62 15.76
CA LEU B 134 -17.08 0.92 16.35
C LEU B 134 -17.01 -0.50 15.81
N ALA B 135 -15.90 -0.87 15.16
CA ALA B 135 -15.72 -2.26 14.65
C ALA B 135 -14.49 -2.83 15.35
N LEU B 136 -14.63 -4.01 15.96
CA LEU B 136 -13.58 -4.68 16.75
C LEU B 136 -13.35 -6.04 16.10
N CYS B 137 -12.10 -6.44 16.04
CA CYS B 137 -11.66 -7.70 15.40
C CYS B 137 -10.63 -8.34 16.35
N GLY B 138 -10.47 -9.65 16.35
CA GLY B 138 -9.49 -10.33 17.20
C GLY B 138 -9.65 -9.90 18.67
N ILE B 139 -10.90 -9.95 19.15
CA ILE B 139 -11.27 -9.20 20.37
C ILE B 139 -10.65 -9.86 21.60
N VAL B 140 -9.84 -9.11 22.36
CA VAL B 140 -9.27 -9.59 23.63
C VAL B 140 -10.35 -9.42 24.71
N ALA B 141 -10.85 -10.52 25.25
CA ALA B 141 -12.00 -10.49 26.19
C ALA B 141 -12.05 -11.78 27.01
N GLN B 142 -11.76 -11.64 28.30
CA GLN B 142 -11.79 -12.70 29.33
C GLN B 142 -10.87 -13.86 29.00
N PRO B 143 -9.65 -13.67 28.41
CA PRO B 143 -8.68 -14.77 28.32
C PRO B 143 -8.12 -15.02 29.73
N ARG B 144 -7.68 -16.24 30.00
CA ARG B 144 -7.20 -16.68 31.33
C ARG B 144 -5.99 -15.83 31.75
N GLY B 145 -5.08 -15.52 30.82
CA GLY B 145 -3.86 -14.76 31.12
C GLY B 145 -4.13 -13.41 31.76
N PHE B 146 -4.82 -12.52 31.05
CA PHE B 146 -5.15 -11.19 31.60
C PHE B 146 -6.06 -11.35 32.81
N GLU B 147 -7.00 -12.30 32.78
CA GLU B 147 -8.10 -12.32 33.79
C GLU B 147 -7.53 -12.78 35.15
N THR B 148 -6.62 -13.74 35.15
CA THR B 148 -6.23 -14.44 36.37
C THR B 148 -4.75 -14.80 36.43
N THR B 149 -4.07 -15.21 35.36
CA THR B 149 -2.69 -15.75 35.45
C THR B 149 -1.71 -14.61 35.72
N LEU B 150 -1.85 -13.47 35.07
CA LEU B 150 -0.89 -12.36 35.22
C LEU B 150 -0.95 -11.88 36.67
N ASP B 151 0.20 -11.88 37.33
CA ASP B 151 0.33 -11.58 38.78
C ASP B 151 0.58 -10.09 38.93
N HIS B 152 -0.43 -9.35 39.33
CA HIS B 152 -0.40 -7.88 39.44
C HIS B 152 0.63 -7.45 40.48
N LYS B 153 0.85 -8.26 41.54
CA LYS B 153 1.81 -7.91 42.62
C LYS B 153 3.24 -7.95 42.10
N THR B 154 3.62 -8.98 41.36
CA THR B 154 4.96 -9.13 40.73
C THR B 154 5.20 -8.03 39.68
N LEU B 155 4.19 -7.79 38.85
CA LEU B 155 4.20 -6.69 37.85
C LEU B 155 4.43 -5.36 38.59
N ALA B 156 3.67 -5.10 39.65
CA ALA B 156 3.77 -3.85 40.42
C ALA B 156 5.20 -3.69 40.96
N LYS B 157 5.81 -4.77 41.47
CA LYS B 157 7.20 -4.72 41.98
C LYS B 157 8.15 -4.42 40.83
N ALA B 158 7.92 -5.01 39.66
CA ALA B 158 8.81 -4.77 38.48
C ALA B 158 8.64 -3.31 38.02
N MET B 159 7.41 -2.78 38.05
CA MET B 159 7.07 -1.38 37.62
C MET B 159 7.75 -0.41 38.61
N ALA B 160 7.78 -0.78 39.89
CA ALA B 160 8.39 0.09 40.95
C ALA B 160 9.91 0.16 40.79
N THR B 161 10.58 -0.93 40.41
CA THR B 161 12.05 -1.05 40.50
C THR B 161 12.76 -0.98 39.13
N ALA B 162 12.15 -1.47 38.05
CA ALA B 162 12.85 -1.52 36.75
C ALA B 162 11.82 -1.39 35.61
N PRO B 163 11.09 -0.27 35.52
CA PRO B 163 10.01 -0.11 34.56
C PRO B 163 10.46 -0.17 33.09
N THR B 164 11.68 0.24 32.81
CA THR B 164 12.17 0.49 31.43
C THR B 164 12.99 -0.73 30.97
N ASP B 165 13.40 -1.59 31.90
CA ASP B 165 14.09 -2.85 31.57
C ASP B 165 13.17 -3.79 30.81
N PRO B 166 13.71 -4.84 30.15
CA PRO B 166 12.89 -5.86 29.52
C PRO B 166 11.96 -6.56 30.52
N ALA B 167 10.73 -6.84 30.11
CA ALA B 167 9.71 -7.44 31.00
C ALA B 167 10.24 -8.81 31.40
N PRO B 168 10.18 -9.23 32.67
CA PRO B 168 10.64 -10.57 33.02
C PRO B 168 9.87 -11.61 32.19
N GLU B 169 10.57 -12.63 31.70
CA GLU B 169 9.95 -13.70 30.87
C GLU B 169 8.75 -14.31 31.61
N ALA B 170 8.92 -14.58 32.91
CA ALA B 170 7.84 -15.18 33.73
C ALA B 170 6.53 -14.40 33.55
N LEU B 171 6.58 -13.08 33.70
CA LEU B 171 5.38 -12.21 33.57
C LEU B 171 4.79 -12.35 32.16
N VAL B 172 5.63 -12.22 31.12
CA VAL B 172 5.18 -12.33 29.71
C VAL B 172 4.41 -13.63 29.51
N ALA B 173 5.00 -14.76 29.93
CA ALA B 173 4.37 -16.08 29.79
C ALA B 173 2.97 -16.08 30.41
N GLN B 174 2.82 -15.47 31.59
CA GLN B 174 1.51 -15.41 32.29
C GLN B 174 0.46 -14.71 31.40
N MET B 175 0.84 -13.64 30.71
CA MET B 175 -0.09 -12.86 29.85
C MET B 175 -0.61 -13.76 28.73
N PHE B 176 0.23 -14.67 28.21
CA PHE B 176 -0.11 -15.55 27.06
C PHE B 176 -0.57 -16.93 27.52
N ASP B 177 -0.89 -17.06 28.80
CA ASP B 177 -1.21 -18.39 29.39
C ASP B 177 -2.38 -18.99 28.60
N GLY B 178 -2.19 -20.20 28.07
CA GLY B 178 -3.25 -20.99 27.40
C GLY B 178 -3.40 -20.66 25.93
N PHE B 179 -2.62 -19.76 25.39
CA PHE B 179 -2.77 -19.35 23.96
C PHE B 179 -2.50 -20.55 23.03
N ALA B 180 -1.73 -21.56 23.47
CA ALA B 180 -1.39 -22.71 22.60
C ALA B 180 -2.23 -23.94 22.95
N ASP B 181 -3.29 -23.76 23.72
CA ASP B 181 -4.10 -24.89 24.26
C ASP B 181 -4.77 -25.73 23.15
N ARG B 182 -4.99 -25.19 21.97
CA ARG B 182 -5.60 -26.01 20.90
C ARG B 182 -4.65 -26.07 19.68
N LEU B 183 -3.36 -25.94 19.91
CA LEU B 183 -2.41 -26.05 18.80
C LEU B 183 -1.74 -27.41 18.84
N SER B 184 -1.20 -27.80 17.69
CA SER B 184 -0.26 -28.94 17.58
C SER B 184 1.17 -28.39 17.61
N GLU B 185 2.14 -29.27 17.84
CA GLU B 185 3.57 -28.84 17.82
C GLU B 185 3.93 -28.22 16.46
N ASP B 186 3.44 -28.79 15.35
CA ASP B 186 3.82 -28.30 14.00
C ASP B 186 3.18 -26.94 13.71
N ASP B 187 2.23 -26.45 14.52
CA ASP B 187 1.62 -25.12 14.31
C ASP B 187 2.61 -24.05 14.75
N GLY B 188 3.55 -24.42 15.63
CA GLY B 188 4.52 -23.48 16.22
C GLY B 188 3.86 -22.62 17.28
N PRO B 189 4.62 -21.84 18.07
CA PRO B 189 4.05 -21.09 19.18
C PRO B 189 3.09 -19.95 18.81
N THR B 190 3.16 -19.45 17.57
CA THR B 190 2.27 -18.36 17.08
C THR B 190 1.15 -18.94 16.19
N GLY B 191 0.96 -20.25 16.22
CA GLY B 191 -0.16 -20.95 15.56
C GLY B 191 -1.53 -20.35 15.87
N TRP B 192 -1.68 -19.65 17.01
CA TRP B 192 -2.98 -19.06 17.42
C TRP B 192 -3.31 -17.89 16.51
N VAL B 193 -2.32 -17.34 15.79
CA VAL B 193 -2.55 -16.15 14.93
C VAL B 193 -3.58 -16.46 13.84
N ALA B 194 -3.51 -17.62 13.21
CA ALA B 194 -4.37 -18.00 12.09
C ALA B 194 -4.34 -19.51 11.89
N ARG B 195 -5.47 -20.13 11.52
CA ARG B 195 -5.44 -21.54 11.10
C ARG B 195 -4.51 -21.70 9.92
N SER B 196 -4.54 -20.74 8.99
CA SER B 196 -3.67 -20.73 7.78
C SER B 196 -2.19 -20.66 8.20
N LYS B 197 -1.41 -21.74 7.99
CA LYS B 197 0.04 -21.75 8.26
C LYS B 197 0.73 -20.70 7.39
N GLU B 198 0.16 -20.43 6.22
CA GLU B 198 0.74 -19.43 5.30
C GLU B 198 0.65 -18.04 5.91
N VAL B 199 -0.44 -17.76 6.58
CA VAL B 199 -0.67 -16.44 7.19
C VAL B 199 0.34 -16.33 8.33
N VAL B 200 0.46 -17.39 9.14
CA VAL B 200 1.40 -17.39 10.28
C VAL B 200 2.85 -17.22 9.77
N ALA B 201 3.25 -17.96 8.75
CA ALA B 201 4.61 -17.92 8.21
C ALA B 201 4.92 -16.49 7.79
N ASP B 202 4.01 -15.88 7.06
CA ASP B 202 4.21 -14.49 6.55
C ASP B 202 4.30 -13.52 7.73
N HIS B 203 3.44 -13.69 8.73
CA HIS B 203 3.50 -12.86 9.98
C HIS B 203 4.91 -12.90 10.57
N GLY B 204 5.54 -14.07 10.62
CA GLY B 204 6.85 -14.25 11.25
C GLY B 204 7.97 -13.74 10.38
N LYS B 205 7.74 -13.57 9.09
CA LYS B 205 8.79 -13.09 8.12
C LYS B 205 8.82 -11.56 8.00
N ASP B 206 7.66 -10.92 8.12
CA ASP B 206 7.39 -9.50 7.81
C ASP B 206 8.32 -8.64 8.69
N LYS B 207 9.34 -8.04 8.09
CA LYS B 207 10.30 -7.18 8.83
C LYS B 207 9.60 -6.02 9.56
N PHE B 208 8.41 -5.55 9.12
CA PHE B 208 7.69 -4.47 9.81
C PHE B 208 6.82 -5.00 10.96
N ASN B 209 6.71 -6.33 11.14
CA ASN B 209 6.09 -6.90 12.37
C ASN B 209 7.17 -6.98 13.43
N ASN B 210 8.24 -7.72 13.13
CA ASN B 210 9.30 -8.03 14.11
C ASN B 210 8.66 -8.56 15.38
N PHE B 211 7.68 -9.46 15.24
CA PHE B 211 6.92 -10.00 16.37
C PHE B 211 7.91 -10.77 17.24
N GLY B 212 7.82 -10.58 18.55
CA GLY B 212 8.66 -11.28 19.54
C GLY B 212 9.88 -10.44 19.98
N ALA B 213 10.04 -9.21 19.49
CA ALA B 213 10.97 -8.20 20.10
C ALA B 213 10.58 -8.14 21.58
N PRO B 214 11.55 -8.17 22.52
CA PRO B 214 11.20 -8.26 23.94
C PRO B 214 10.50 -6.96 24.36
N MET B 215 9.38 -7.05 25.04
CA MET B 215 8.65 -5.84 25.49
C MET B 215 9.28 -5.39 26.80
N SER B 216 9.16 -4.11 27.11
CA SER B 216 9.64 -3.56 28.40
C SER B 216 8.59 -3.87 29.46
N THR B 217 8.97 -3.76 30.73
CA THR B 217 7.98 -3.94 31.83
C THR B 217 6.86 -2.88 31.68
N ARG B 218 7.22 -1.65 31.40
CA ARG B 218 6.23 -0.52 31.30
C ARG B 218 5.27 -0.78 30.11
N PHE B 219 5.75 -1.43 29.04
CA PHE B 219 4.88 -1.77 27.88
C PHE B 219 3.89 -2.85 28.31
N LEU B 220 4.33 -3.88 29.04
CA LEU B 220 3.47 -4.94 29.63
C LEU B 220 2.44 -4.33 30.58
N GLN B 221 2.84 -3.38 31.42
CA GLN B 221 1.88 -2.64 32.28
C GLN B 221 0.82 -1.96 31.41
N GLY B 222 1.24 -1.38 30.29
CA GLY B 222 0.36 -0.72 29.32
C GLY B 222 -0.69 -1.71 28.80
N LEU B 223 -0.26 -2.94 28.50
CA LEU B 223 -1.23 -3.95 28.00
C LEU B 223 -2.22 -4.28 29.12
N ALA B 224 -1.77 -4.47 30.35
CA ALA B 224 -2.66 -4.78 31.49
C ALA B 224 -3.57 -3.58 31.79
N ASP B 225 -3.07 -2.36 31.66
CA ASP B 225 -3.88 -1.14 31.87
C ASP B 225 -4.99 -1.07 30.82
N ILE B 226 -4.61 -1.20 29.55
CA ILE B 226 -5.59 -1.05 28.45
C ILE B 226 -6.60 -2.21 28.51
N TYR B 227 -6.16 -3.38 28.97
CA TYR B 227 -7.10 -4.53 29.07
C TYR B 227 -8.27 -4.12 29.99
N ALA B 228 -7.91 -3.55 31.13
CA ALA B 228 -8.86 -3.16 32.21
C ALA B 228 -9.71 -1.99 31.70
N MET B 229 -9.16 -1.09 30.88
CA MET B 229 -9.85 0.06 30.27
C MET B 229 -10.89 -0.43 29.25
N ALA B 230 -10.63 -1.55 28.54
CA ALA B 230 -11.49 -2.11 27.47
C ALA B 230 -12.53 -3.07 28.02
N ASN B 231 -12.26 -3.79 29.12
CA ASN B 231 -13.14 -4.89 29.58
C ASN B 231 -13.76 -4.52 30.92
N GLY B 232 -13.36 -3.37 31.46
CA GLY B 232 -13.78 -2.91 32.81
C GLY B 232 -15.21 -2.37 32.83
N ASP B 233 -15.79 -2.27 34.04
CA ASP B 233 -17.15 -1.72 34.22
C ASP B 233 -17.28 -0.35 33.51
N SER B 234 -16.27 0.50 33.59
CA SER B 234 -16.33 1.89 33.04
C SER B 234 -16.47 1.85 31.51
N PHE B 235 -15.91 0.84 30.83
CA PHE B 235 -16.16 0.68 29.37
C PHE B 235 -17.67 0.51 29.12
N TYR B 236 -18.28 -0.47 29.77
CA TYR B 236 -19.71 -0.83 29.56
C TYR B 236 -20.60 0.35 29.96
N ALA B 237 -20.23 1.03 31.03
CA ALA B 237 -21.07 2.12 31.60
C ALA B 237 -21.07 3.32 30.65
N THR B 238 -19.98 3.55 29.90
CA THR B 238 -19.78 4.80 29.13
C THR B 238 -19.78 4.57 27.61
N MET B 239 -19.75 3.33 27.12
CA MET B 239 -19.84 3.05 25.65
C MET B 239 -20.97 3.87 25.06
N PRO B 240 -20.72 4.73 24.06
CA PRO B 240 -21.80 5.48 23.42
C PRO B 240 -22.78 4.62 22.62
N ASN B 241 -23.97 5.16 22.42
CA ASN B 241 -25.11 4.48 21.75
C ASN B 241 -24.90 4.65 20.25
N ILE B 242 -23.95 3.90 19.70
CA ILE B 242 -23.64 3.87 18.26
C ILE B 242 -23.61 2.41 17.84
N PRO B 243 -23.75 2.13 16.54
CA PRO B 243 -23.59 0.76 16.05
C PRO B 243 -22.19 0.21 16.40
N ILE B 244 -22.18 -1.05 16.78
CA ILE B 244 -20.97 -1.81 17.15
C ILE B 244 -20.99 -3.10 16.35
N VAL B 245 -19.88 -3.47 15.73
CA VAL B 245 -19.77 -4.81 15.08
C VAL B 245 -18.51 -5.50 15.62
N LEU B 246 -18.60 -6.79 15.83
CA LEU B 246 -17.57 -7.65 16.49
C LEU B 246 -17.23 -8.75 15.49
N PHE B 247 -15.94 -8.94 15.22
CA PHE B 247 -15.46 -10.07 14.41
C PHE B 247 -14.46 -10.88 15.23
N ALA B 248 -14.65 -12.20 15.32
CA ALA B 248 -13.73 -13.07 16.08
C ALA B 248 -13.76 -14.46 15.53
N GLY B 249 -12.68 -15.18 15.75
CA GLY B 249 -12.58 -16.63 15.56
C GLY B 249 -12.98 -17.41 16.82
N SER B 250 -13.85 -18.40 16.70
CA SER B 250 -14.19 -19.33 17.80
C SER B 250 -12.93 -20.00 18.37
N GLU B 251 -11.87 -20.12 17.56
CA GLU B 251 -10.61 -20.81 17.97
C GLU B 251 -9.51 -19.81 18.34
N ASP B 252 -9.89 -18.58 18.71
CA ASP B 252 -8.97 -17.50 19.13
C ASP B 252 -8.81 -17.49 20.64
N PRO B 253 -7.60 -17.79 21.18
CA PRO B 253 -7.38 -17.76 22.63
C PRO B 253 -7.62 -16.36 23.20
N ALA B 254 -7.40 -15.29 22.42
CA ALA B 254 -7.49 -13.89 22.93
C ALA B 254 -8.88 -13.63 23.49
N GLY B 255 -9.91 -14.19 22.84
CA GLY B 255 -11.31 -14.01 23.23
C GLY B 255 -11.83 -15.19 24.03
N ASP B 256 -10.93 -15.95 24.65
CA ASP B 256 -11.23 -17.18 25.44
C ASP B 256 -12.04 -18.16 24.56
N PHE B 257 -11.57 -18.41 23.34
CA PHE B 257 -12.14 -19.40 22.39
C PHE B 257 -13.63 -19.11 22.22
N GLY B 258 -13.98 -17.86 21.91
CA GLY B 258 -15.32 -17.40 21.57
C GLY B 258 -16.13 -17.03 22.82
N THR B 259 -15.86 -17.71 23.95
CA THR B 259 -16.65 -17.53 25.20
C THR B 259 -16.57 -16.05 25.65
N GLY B 260 -15.37 -15.47 25.65
CA GLY B 260 -15.21 -14.07 26.07
C GLY B 260 -15.97 -13.17 25.12
N VAL B 261 -15.84 -13.41 23.82
CA VAL B 261 -16.49 -12.52 22.81
C VAL B 261 -18.02 -12.58 22.91
N LYS B 262 -18.58 -13.77 23.13
CA LYS B 262 -20.06 -13.91 23.33
C LYS B 262 -20.46 -13.09 24.56
N ALA B 263 -19.63 -13.09 25.60
CA ALA B 263 -19.99 -12.37 26.85
C ALA B 263 -20.01 -10.85 26.61
N VAL B 264 -19.04 -10.34 25.83
CA VAL B 264 -19.00 -8.90 25.45
C VAL B 264 -20.30 -8.58 24.72
N ALA B 265 -20.68 -9.42 23.75
CA ALA B 265 -21.87 -9.15 22.92
C ALA B 265 -23.09 -9.15 23.83
N GLU B 266 -23.17 -10.13 24.74
CA GLU B 266 -24.40 -10.34 25.56
C GLU B 266 -24.51 -9.21 26.58
N ARG B 267 -23.38 -8.70 27.08
CA ARG B 267 -23.43 -7.61 28.08
C ARG B 267 -23.83 -6.32 27.37
N LEU B 268 -23.22 -6.04 26.23
CA LEU B 268 -23.63 -4.86 25.43
C LEU B 268 -25.12 -4.94 25.11
N ARG B 269 -25.61 -6.12 24.73
CA ARG B 269 -27.04 -6.32 24.31
C ARG B 269 -27.96 -6.11 25.53
N ARG B 270 -27.58 -6.64 26.67
CA ARG B 270 -28.39 -6.51 27.92
C ARG B 270 -28.51 -5.05 28.30
N ASP B 271 -27.45 -4.26 28.06
CA ASP B 271 -27.37 -2.81 28.37
C ASP B 271 -28.07 -1.98 27.29
N GLY B 272 -28.65 -2.60 26.24
CA GLY B 272 -29.49 -1.93 25.21
C GLY B 272 -28.73 -1.48 23.96
N HIS B 273 -27.50 -1.94 23.79
CA HIS B 273 -26.64 -1.52 22.66
C HIS B 273 -27.13 -2.18 21.37
N ASN B 274 -26.71 -1.57 20.24
CA ASN B 274 -26.90 -2.08 18.86
C ASN B 274 -25.64 -2.90 18.49
N VAL B 275 -25.71 -4.24 18.54
CA VAL B 275 -24.50 -5.10 18.39
C VAL B 275 -24.70 -6.13 17.28
N GLU B 276 -23.73 -6.20 16.38
CA GLU B 276 -23.66 -7.20 15.28
C GLU B 276 -22.44 -8.08 15.56
N LEU B 277 -22.66 -9.39 15.71
CA LEU B 277 -21.59 -10.37 16.07
C LEU B 277 -21.34 -11.31 14.90
N HIS B 278 -20.09 -11.35 14.44
CA HIS B 278 -19.60 -12.35 13.46
C HIS B 278 -18.57 -13.21 14.18
N LEU B 279 -18.97 -14.40 14.64
CA LEU B 279 -18.10 -15.39 15.30
C LEU B 279 -17.83 -16.52 14.29
N TYR B 280 -16.61 -16.59 13.76
CA TYR B 280 -16.21 -17.56 12.70
C TYR B 280 -15.80 -18.88 13.36
N ASP B 281 -16.66 -19.89 13.20
CA ASP B 281 -16.42 -21.21 13.83
C ASP B 281 -15.16 -21.80 13.19
N GLY B 282 -14.27 -22.29 14.04
CA GLY B 282 -13.05 -23.04 13.68
C GLY B 282 -11.90 -22.15 13.28
N LEU B 283 -12.04 -20.83 13.22
CA LEU B 283 -10.93 -19.94 12.80
C LEU B 283 -10.29 -19.31 14.05
N ARG B 284 -9.05 -18.90 13.90
CA ARG B 284 -8.21 -18.46 15.05
C ARG B 284 -8.24 -16.92 15.10
N HIS B 285 -7.15 -16.22 15.45
CA HIS B 285 -7.19 -14.79 15.87
C HIS B 285 -7.48 -13.85 14.69
N GLU B 286 -6.68 -13.91 13.63
CA GLU B 286 -6.78 -12.90 12.54
C GLU B 286 -7.84 -13.27 11.52
N VAL B 287 -9.12 -13.19 11.86
CA VAL B 287 -10.22 -13.58 10.91
C VAL B 287 -10.26 -12.62 9.70
N HIS B 288 -9.60 -11.46 9.80
CA HIS B 288 -9.52 -10.51 8.65
C HIS B 288 -8.43 -10.95 7.69
N ASN B 289 -7.54 -11.84 8.12
CA ASN B 289 -6.44 -12.34 7.27
C ASN B 289 -6.66 -13.80 6.90
N GLU B 290 -7.51 -14.54 7.63
CA GLU B 290 -7.78 -15.99 7.36
C GLU B 290 -8.38 -16.10 5.96
N PRO B 291 -7.81 -16.90 5.04
CA PRO B 291 -8.42 -16.99 3.70
C PRO B 291 -9.90 -17.42 3.70
N GLU B 292 -10.33 -18.18 4.69
CA GLU B 292 -11.74 -18.62 4.75
C GLU B 292 -12.65 -17.41 5.04
N SER B 293 -12.23 -16.45 5.85
CA SER B 293 -13.12 -15.41 6.40
C SER B 293 -12.83 -14.00 5.88
N ARG B 294 -11.72 -13.74 5.17
CA ARG B 294 -11.26 -12.37 4.88
C ARG B 294 -12.33 -11.66 4.04
N ALA B 295 -12.97 -12.38 3.11
CA ALA B 295 -13.89 -11.70 2.18
C ALA B 295 -15.14 -11.29 2.97
N ASP B 296 -15.56 -12.19 3.86
CA ASP B 296 -16.75 -11.97 4.71
C ASP B 296 -16.52 -10.83 5.71
N VAL B 297 -15.38 -10.82 6.39
CA VAL B 297 -15.04 -9.68 7.30
C VAL B 297 -15.14 -8.38 6.49
N GLU B 298 -14.46 -8.29 5.36
CA GLU B 298 -14.39 -7.04 4.57
C GLU B 298 -15.78 -6.63 4.07
N SER B 299 -16.53 -7.54 3.47
CA SER B 299 -17.87 -7.18 2.95
C SER B 299 -18.77 -6.76 4.12
N SER B 300 -18.72 -7.44 5.28
CA SER B 300 -19.52 -7.04 6.48
C SER B 300 -19.08 -5.66 7.00
N LEU B 301 -17.77 -5.39 6.96
CA LEU B 301 -17.22 -4.08 7.41
C LEU B 301 -17.74 -2.97 6.48
N VAL B 302 -17.67 -3.14 5.16
CA VAL B 302 -18.27 -2.16 4.18
C VAL B 302 -19.77 -1.94 4.48
N THR B 303 -20.56 -3.03 4.57
CA THR B 303 -22.02 -2.95 4.83
C THR B 303 -22.24 -2.12 6.11
N PHE B 304 -21.53 -2.47 7.18
CA PHE B 304 -21.56 -1.75 8.48
C PHE B 304 -21.25 -0.26 8.30
N VAL B 305 -20.12 0.13 7.64
CA VAL B 305 -19.77 1.56 7.43
C VAL B 305 -20.91 2.24 6.64
N ASP B 306 -21.49 1.53 5.67
CA ASP B 306 -22.60 2.13 4.87
C ASP B 306 -23.84 2.35 5.77
N ARG B 307 -24.08 1.45 6.72
CA ARG B 307 -25.22 1.55 7.68
C ARG B 307 -24.94 2.73 8.63
N VAL B 308 -23.72 2.87 9.09
CA VAL B 308 -23.37 4.01 9.99
C VAL B 308 -23.70 5.30 9.22
N ALA B 309 -23.35 5.27 7.94
CA ALA B 309 -23.47 6.47 7.10
C ALA B 309 -24.93 6.83 6.84
N ASN B 310 -25.78 5.81 6.74
CA ASN B 310 -27.24 5.98 6.47
C ASN B 310 -27.85 6.80 7.59
#